data_9I6Y
#
_entry.id   9I6Y
#
_cell.length_a   82.062
_cell.length_b   112.311
_cell.length_c   62.624
_cell.angle_alpha   90.00
_cell.angle_beta   90.00
_cell.angle_gamma   90.00
#
_symmetry.space_group_name_H-M   'C 2 2 21'
#
loop_
_entity.id
_entity.type
_entity.pdbx_description
1 polymer '14-3-3 protein sigma'
2 polymer 'Estrogen receptor'
3 non-polymer 2-chloranyl-~{N}-[4-[3-[(phenylmethyl)amino]imidazo[1,2-a]pyridin-2-yl]phenyl]ethanamide
4 non-polymer 'CALCIUM ION'
5 non-polymer 'CHLORIDE ION'
6 water water
#
loop_
_entity_poly.entity_id
_entity_poly.type
_entity_poly.pdbx_seq_one_letter_code
_entity_poly.pdbx_strand_id
1 'polypeptide(L)'
;GAMGSMERASLIQKAKLAEQAERYEDMAAFMKGAVEKGEELSCEERNLLSVAYKNVVGGQRAAWRVLSSIEQKSNEEGSE
EKGPEVREYREKVETELQGVCDTVLGLLDSHLIKEAGDAESRVFYLKMKGDYYRYLAEVATGDDKKRIIDSARSAYQEAM
DISKKEMPPTNPIRLGLALNFSVFHYEIANSPEEAISLAKTTFDEAMADLHTLSEDSYKDSTLIMQLLRDNLTLWT
;
A
2 'polypeptide(L)' FPA(TPO)V B
#
# COMPACT_ATOMS: atom_id res chain seq x y z
N GLY A 1 13.36 -8.22 19.57
CA GLY A 1 12.92 -6.90 19.12
C GLY A 1 13.14 -5.86 20.22
N ALA A 2 13.51 -4.63 19.80
CA ALA A 2 13.72 -3.52 20.71
C ALA A 2 12.45 -3.11 21.46
N MET A 3 11.28 -3.51 20.94
CA MET A 3 10.01 -3.22 21.61
C MET A 3 9.51 -4.38 22.46
N GLY A 4 10.33 -5.42 22.60
CA GLY A 4 9.91 -6.62 23.30
C GLY A 4 9.56 -6.41 24.77
N SER A 5 10.16 -5.40 25.40
CA SER A 5 9.87 -5.13 26.79
C SER A 5 8.73 -4.16 27.05
N MET A 6 8.15 -3.58 25.99
CA MET A 6 7.05 -2.65 26.17
C MET A 6 5.70 -3.33 26.03
N GLU A 7 4.76 -2.98 26.92
CA GLU A 7 3.40 -3.48 26.86
C GLU A 7 2.74 -3.20 25.52
N ARG A 8 1.96 -4.16 25.03
CA ARG A 8 1.21 -3.95 23.81
C ARG A 8 0.40 -2.65 23.86
N ALA A 9 -0.34 -2.43 24.93
CA ALA A 9 -1.19 -1.24 25.01
C ALA A 9 -0.36 0.03 24.96
N SER A 10 0.82 0.00 25.57
CA SER A 10 1.72 1.15 25.55
C SER A 10 2.27 1.42 24.15
N LEU A 11 2.56 0.35 23.40
CA LEU A 11 2.98 0.49 22.01
C LEU A 11 1.90 1.14 21.16
N ILE A 12 0.66 0.68 21.31
N ILE A 12 0.65 0.73 21.33
CA ILE A 12 -0.48 1.28 20.62
CA ILE A 12 -0.43 1.34 20.57
C ILE A 12 -0.63 2.77 20.98
C ILE A 12 -0.69 2.78 20.98
N GLN A 13 -0.60 3.07 22.29
CA GLN A 13 -0.72 4.44 22.79
C GLN A 13 0.36 5.33 22.16
N LYS A 14 1.60 4.81 22.14
CA LYS A 14 2.68 5.60 21.60
C LYS A 14 2.59 5.73 20.08
N ALA A 15 2.09 4.71 19.39
CA ALA A 15 1.90 4.86 17.95
C ALA A 15 0.95 6.03 17.68
N LYS A 16 -0.11 6.15 18.48
CA LYS A 16 -1.05 7.26 18.30
C LYS A 16 -0.39 8.61 18.58
N LEU A 17 0.46 8.67 19.60
CA LEU A 17 1.22 9.89 19.88
C LEU A 17 2.17 10.24 18.73
N ALA A 18 2.84 9.21 18.21
CA ALA A 18 3.77 9.42 17.12
C ALA A 18 3.05 9.98 15.90
N GLU A 19 1.86 9.44 15.62
CA GLU A 19 1.04 9.95 14.52
C GLU A 19 0.75 11.45 14.74
N GLN A 20 0.34 11.83 15.95
CA GLN A 20 0.02 13.23 16.22
C GLN A 20 1.25 14.12 15.99
N ALA A 21 2.43 13.59 16.31
CA ALA A 21 3.69 14.31 16.14
C ALA A 21 4.33 14.18 14.76
N GLU A 22 3.63 13.49 13.84
CA GLU A 22 4.14 13.19 12.50
C GLU A 22 5.49 12.49 12.48
N ARG A 23 5.68 11.59 13.46
CA ARG A 23 6.89 10.81 13.62
C ARG A 23 6.59 9.41 13.12
N TYR A 24 6.53 9.26 11.80
CA TYR A 24 6.00 8.04 11.22
C TYR A 24 6.94 6.84 11.33
N GLU A 25 8.26 7.07 11.32
N GLU A 25 8.26 7.09 11.32
CA GLU A 25 9.22 6.00 11.54
CA GLU A 25 9.23 6.03 11.55
C GLU A 25 9.00 5.43 12.94
C GLU A 25 9.00 5.45 12.94
N ASP A 26 8.86 6.30 13.96
CA ASP A 26 8.56 5.84 15.31
C ASP A 26 7.23 5.08 15.34
N MET A 27 6.23 5.64 14.67
CA MET A 27 4.91 5.03 14.64
C MET A 27 5.01 3.60 14.09
N ALA A 28 5.76 3.43 13.01
CA ALA A 28 5.91 2.13 12.39
C ALA A 28 6.63 1.17 13.32
N ALA A 29 7.69 1.64 14.00
CA ALA A 29 8.40 0.78 14.93
C ALA A 29 7.51 0.35 16.09
N PHE A 30 6.68 1.25 16.58
CA PHE A 30 5.76 0.90 17.65
C PHE A 30 4.77 -0.15 17.17
N MET A 31 4.21 0.04 15.98
CA MET A 31 3.23 -0.89 15.47
C MET A 31 3.85 -2.25 15.12
N LYS A 32 5.07 -2.28 14.62
CA LYS A 32 5.77 -3.54 14.43
C LYS A 32 5.89 -4.28 15.76
N GLY A 33 6.29 -3.54 16.79
CA GLY A 33 6.35 -4.12 18.12
C GLY A 33 5.03 -4.72 18.54
N ALA A 34 3.94 -3.96 18.32
CA ALA A 34 2.63 -4.45 18.68
C ALA A 34 2.28 -5.73 17.93
N VAL A 35 2.53 -5.76 16.62
CA VAL A 35 2.25 -6.96 15.84
C VAL A 35 3.03 -8.15 16.41
N GLU A 36 4.30 -7.93 16.77
CA GLU A 36 5.15 -9.01 17.21
C GLU A 36 4.75 -9.54 18.59
N LYS A 37 3.79 -8.89 19.29
CA LYS A 37 3.23 -9.48 20.48
C LYS A 37 2.45 -10.76 20.17
N GLY A 38 2.02 -10.91 18.92
CA GLY A 38 1.42 -12.17 18.50
C GLY A 38 -0.11 -12.21 18.51
N GLU A 39 -0.75 -11.22 19.10
CA GLU A 39 -2.21 -11.15 19.12
C GLU A 39 -2.69 -10.55 17.80
N GLU A 40 -3.92 -10.88 17.41
CA GLU A 40 -4.55 -10.27 16.26
C GLU A 40 -4.73 -8.78 16.52
N LEU A 41 -4.87 -8.02 15.43
CA LEU A 41 -5.02 -6.58 15.51
C LEU A 41 -6.50 -6.26 15.30
N SER A 42 -6.99 -5.28 16.03
CA SER A 42 -8.30 -4.72 15.78
C SER A 42 -8.34 -3.85 14.52
N CYS A 43 -9.53 -3.40 14.11
CA CYS A 43 -9.64 -2.53 12.97
C CYS A 43 -8.79 -1.27 13.13
N GLU A 44 -8.92 -0.64 14.30
CA GLU A 44 -8.19 0.60 14.56
C GLU A 44 -6.68 0.31 14.49
N GLU A 45 -6.26 -0.79 15.11
CA GLU A 45 -4.83 -1.12 15.14
C GLU A 45 -4.28 -1.41 13.74
N ARG A 46 -5.06 -2.13 12.92
CA ARG A 46 -4.67 -2.41 11.56
C ARG A 46 -4.43 -1.13 10.78
N ASN A 47 -5.30 -0.14 10.98
CA ASN A 47 -5.18 1.14 10.30
C ASN A 47 -4.01 1.96 10.85
N LEU A 48 -3.62 1.78 12.11
CA LEU A 48 -2.43 2.44 12.60
C LEU A 48 -1.20 1.86 11.92
N LEU A 49 -1.16 0.54 11.77
CA LEU A 49 -0.06 -0.14 11.11
C LEU A 49 0.06 0.34 9.67
N SER A 50 -1.06 0.39 8.95
CA SER A 50 -1.01 0.78 7.54
CA SER A 50 -1.06 0.79 7.54
C SER A 50 -0.62 2.24 7.36
N VAL A 51 -1.20 3.15 8.17
CA VAL A 51 -0.82 4.55 8.09
C VAL A 51 0.67 4.74 8.31
N ALA A 52 1.22 4.07 9.31
CA ALA A 52 2.61 4.26 9.66
C ALA A 52 3.51 3.89 8.48
N TYR A 53 3.37 2.67 7.97
CA TYR A 53 4.25 2.20 6.93
C TYR A 53 3.96 2.94 5.62
N LYS A 54 2.71 3.35 5.37
CA LYS A 54 2.40 4.07 4.14
C LYS A 54 3.21 5.36 4.08
N ASN A 55 3.29 6.06 5.22
CA ASN A 55 3.98 7.32 5.29
C ASN A 55 5.49 7.12 5.16
N VAL A 56 6.04 6.11 5.84
CA VAL A 56 7.46 5.83 5.73
C VAL A 56 7.83 5.49 4.29
N VAL A 57 7.15 4.51 3.69
CA VAL A 57 7.52 4.07 2.34
C VAL A 57 7.17 5.15 1.33
N GLY A 58 6.14 5.96 1.60
CA GLY A 58 5.77 7.03 0.69
C GLY A 58 6.89 8.04 0.56
N GLY A 59 7.52 8.38 1.68
CA GLY A 59 8.68 9.26 1.65
C GLY A 59 9.84 8.65 0.88
N GLN A 60 10.10 7.36 1.10
CA GLN A 60 11.18 6.67 0.38
C GLN A 60 10.93 6.66 -1.12
N ARG A 61 9.68 6.38 -1.52
CA ARG A 61 9.32 6.31 -2.92
C ARG A 61 9.52 7.67 -3.58
N ALA A 62 9.11 8.73 -2.89
CA ALA A 62 9.24 10.05 -3.46
C ALA A 62 10.72 10.38 -3.65
N ALA A 63 11.55 10.03 -2.67
CA ALA A 63 12.99 10.28 -2.80
C ALA A 63 13.61 9.46 -3.93
N TRP A 64 13.23 8.18 -4.00
CA TRP A 64 13.71 7.30 -5.06
C TRP A 64 13.40 7.88 -6.44
N ARG A 65 12.19 8.45 -6.58
CA ARG A 65 11.80 8.99 -7.87
C ARG A 65 12.66 10.18 -8.25
N VAL A 66 12.97 11.05 -7.27
CA VAL A 66 13.80 12.20 -7.52
C VAL A 66 15.17 11.74 -8.01
N LEU A 67 15.74 10.76 -7.29
CA LEU A 67 17.08 10.29 -7.57
C LEU A 67 17.14 9.54 -8.90
N SER A 68 16.13 8.70 -9.16
N SER A 68 16.14 8.70 -9.19
CA SER A 68 16.02 7.99 -10.43
CA SER A 68 16.09 8.00 -10.47
C SER A 68 15.97 8.95 -11.62
C SER A 68 15.99 8.97 -11.65
N SER A 69 15.24 10.05 -11.47
CA SER A 69 15.12 11.07 -12.51
C SER A 69 16.47 11.72 -12.79
N ILE A 70 17.22 12.03 -11.71
CA ILE A 70 18.55 12.62 -11.88
C ILE A 70 19.47 11.64 -12.57
N GLU A 71 19.38 10.36 -12.20
CA GLU A 71 20.23 9.33 -12.76
C GLU A 71 19.92 9.15 -14.24
N GLN A 72 18.63 9.19 -14.60
CA GLN A 72 18.23 9.01 -15.98
C GLN A 72 18.77 10.15 -16.85
N LYS A 73 18.71 11.38 -16.34
CA LYS A 73 19.26 12.54 -17.04
C LYS A 73 20.76 12.42 -17.24
N SER A 74 21.47 11.85 -16.25
CA SER A 74 22.91 11.65 -16.36
C SER A 74 23.32 10.67 -17.46
N ASN A 75 22.39 9.81 -17.91
CA ASN A 75 22.68 8.84 -18.95
C ASN A 75 22.13 9.26 -20.31
N GLU A 76 21.69 10.52 -20.43
CA GLU A 76 21.32 11.10 -21.72
C GLU A 76 22.59 11.51 -22.46
N GLU A 77 22.46 11.72 -23.77
CA GLU A 77 23.59 12.16 -24.59
C GLU A 77 23.91 13.61 -24.28
N GLY A 78 25.21 13.92 -24.19
CA GLY A 78 25.67 15.26 -23.89
C GLY A 78 25.68 15.60 -22.41
N SER A 79 25.39 14.59 -21.56
CA SER A 79 25.45 14.74 -20.11
C SER A 79 26.88 14.49 -19.63
N GLU A 80 27.38 15.39 -18.78
CA GLU A 80 28.73 15.29 -18.28
C GLU A 80 28.81 14.15 -17.26
N GLU A 81 29.94 13.43 -17.28
CA GLU A 81 30.16 12.29 -16.40
C GLU A 81 30.45 12.80 -14.99
N LYS A 82 29.62 12.41 -14.01
CA LYS A 82 29.77 12.87 -12.65
C LYS A 82 30.22 11.78 -11.67
N GLY A 83 30.49 10.58 -12.19
CA GLY A 83 30.97 9.49 -11.38
C GLY A 83 29.84 8.63 -10.80
N PRO A 84 30.15 7.74 -9.83
CA PRO A 84 29.20 6.76 -9.36
C PRO A 84 28.20 7.26 -8.33
N GLU A 85 28.32 8.52 -7.91
CA GLU A 85 27.60 8.96 -6.72
C GLU A 85 26.08 8.94 -6.86
N VAL A 86 25.54 9.36 -8.01
CA VAL A 86 24.09 9.37 -8.18
C VAL A 86 23.52 7.95 -8.09
N ARG A 87 24.14 7.03 -8.82
CA ARG A 87 23.75 5.63 -8.77
C ARG A 87 23.88 5.08 -7.36
N GLU A 88 25.00 5.34 -6.70
CA GLU A 88 25.21 4.82 -5.36
C GLU A 88 24.10 5.28 -4.42
N TYR A 89 23.80 6.58 -4.46
CA TYR A 89 22.83 7.13 -3.52
C TYR A 89 21.42 6.66 -3.84
N ARG A 90 21.06 6.58 -5.14
CA ARG A 90 19.80 5.97 -5.52
C ARG A 90 19.71 4.53 -5.01
N GLU A 91 20.79 3.76 -5.14
CA GLU A 91 20.85 2.40 -4.63
C GLU A 91 20.66 2.35 -3.12
N LYS A 92 21.22 3.32 -2.41
CA LYS A 92 21.11 3.38 -0.96
C LYS A 92 19.65 3.56 -0.57
N VAL A 93 18.98 4.52 -1.18
CA VAL A 93 17.58 4.77 -0.89
C VAL A 93 16.75 3.56 -1.31
N GLU A 94 17.06 2.98 -2.46
CA GLU A 94 16.36 1.79 -2.95
C GLU A 94 16.46 0.64 -1.96
N THR A 95 17.66 0.41 -1.43
CA THR A 95 17.86 -0.69 -0.50
C THR A 95 17.06 -0.49 0.79
N GLU A 96 17.01 0.77 1.28
CA GLU A 96 16.25 1.11 2.47
CA GLU A 96 16.24 1.05 2.48
C GLU A 96 14.76 0.85 2.22
N LEU A 97 14.29 1.29 1.05
CA LEU A 97 12.90 1.08 0.65
C LEU A 97 12.56 -0.41 0.60
N GLN A 98 13.42 -1.20 -0.03
CA GLN A 98 13.21 -2.63 -0.14
C GLN A 98 13.17 -3.23 1.26
N GLY A 99 14.01 -2.74 2.15
CA GLY A 99 14.02 -3.20 3.52
C GLY A 99 12.70 -2.98 4.25
N VAL A 100 12.11 -1.79 4.07
CA VAL A 100 10.83 -1.49 4.68
C VAL A 100 9.75 -2.41 4.11
N CYS A 101 9.74 -2.59 2.78
CA CYS A 101 8.76 -3.48 2.17
C CYS A 101 8.91 -4.90 2.70
N ASP A 102 10.14 -5.40 2.79
CA ASP A 102 10.37 -6.74 3.31
C ASP A 102 9.93 -6.86 4.77
N THR A 103 10.09 -5.78 5.54
CA THR A 103 9.63 -5.78 6.93
C THR A 103 8.11 -5.93 6.98
N VAL A 104 7.39 -5.15 6.17
CA VAL A 104 5.94 -5.21 6.18
C VAL A 104 5.49 -6.59 5.70
N LEU A 105 6.08 -7.08 4.59
CA LEU A 105 5.70 -8.37 4.05
C LEU A 105 5.98 -9.46 5.07
N GLY A 106 7.07 -9.30 5.82
CA GLY A 106 7.37 -10.24 6.88
C GLY A 106 6.33 -10.30 7.99
N LEU A 107 5.83 -9.14 8.41
CA LEU A 107 4.77 -9.08 9.40
C LEU A 107 3.52 -9.79 8.88
N LEU A 108 3.17 -9.52 7.61
CA LEU A 108 1.98 -10.13 7.04
C LEU A 108 2.14 -11.65 6.99
N ASP A 109 3.34 -12.12 6.69
CA ASP A 109 3.59 -13.55 6.56
C ASP A 109 3.80 -14.24 7.91
N SER A 110 4.16 -13.47 8.94
CA SER A 110 4.50 -14.01 10.24
C SER A 110 3.88 -13.13 11.34
N HIS A 111 2.56 -13.24 11.59
CA HIS A 111 1.66 -14.25 11.06
C HIS A 111 0.28 -13.64 10.87
N LEU A 112 0.24 -12.36 10.43
CA LEU A 112 -1.03 -11.67 10.37
C LEU A 112 -2.05 -12.29 9.40
N ILE A 113 -1.62 -12.62 8.19
CA ILE A 113 -2.55 -13.15 7.19
C ILE A 113 -3.10 -14.50 7.64
N LYS A 114 -2.25 -15.41 8.12
CA LYS A 114 -2.74 -16.76 8.41
C LYS A 114 -3.77 -16.76 9.54
N GLU A 115 -3.75 -15.77 10.44
CA GLU A 115 -4.72 -15.72 11.53
C GLU A 115 -5.95 -14.89 11.21
N ALA A 116 -5.96 -14.25 10.02
CA ALA A 116 -7.05 -13.36 9.65
C ALA A 116 -8.13 -14.14 8.93
N GLY A 117 -9.25 -14.33 9.62
CA GLY A 117 -10.36 -15.12 9.13
C GLY A 117 -11.56 -14.31 8.65
N ASP A 118 -11.77 -13.15 9.24
CA ASP A 118 -12.90 -12.32 8.84
C ASP A 118 -12.51 -11.58 7.58
N ALA A 119 -13.51 -11.30 6.71
CA ALA A 119 -13.22 -10.66 5.45
C ALA A 119 -12.53 -9.30 5.63
N GLU A 120 -12.96 -8.51 6.61
CA GLU A 120 -12.41 -7.19 6.77
C GLU A 120 -10.93 -7.23 7.12
N SER A 121 -10.50 -8.19 7.92
CA SER A 121 -9.09 -8.27 8.23
C SER A 121 -8.31 -8.93 7.10
N ARG A 122 -8.81 -10.04 6.57
CA ARG A 122 -8.07 -10.77 5.56
C ARG A 122 -7.89 -9.94 4.28
N VAL A 123 -8.94 -9.25 3.83
CA VAL A 123 -8.82 -8.39 2.66
C VAL A 123 -7.87 -7.23 2.91
N PHE A 124 -7.96 -6.63 4.11
CA PHE A 124 -7.04 -5.55 4.47
C PHE A 124 -5.57 -5.98 4.35
N TYR A 125 -5.23 -7.12 4.95
CA TYR A 125 -3.86 -7.58 4.90
C TYR A 125 -3.41 -7.99 3.50
N LEU A 126 -4.29 -8.64 2.72
CA LEU A 126 -3.91 -9.03 1.38
C LEU A 126 -3.75 -7.80 0.47
N LYS A 127 -4.55 -6.76 0.69
CA LYS A 127 -4.33 -5.50 -0.01
C LYS A 127 -2.95 -4.95 0.33
N MET A 128 -2.55 -5.00 1.61
CA MET A 128 -1.23 -4.51 2.00
CA MET A 128 -1.24 -4.52 2.00
C MET A 128 -0.16 -5.35 1.31
N LYS A 129 -0.35 -6.67 1.25
CA LYS A 129 0.63 -7.53 0.60
C LYS A 129 0.80 -7.13 -0.87
N GLY A 130 -0.32 -6.91 -1.56
CA GLY A 130 -0.27 -6.44 -2.93
C GLY A 130 0.46 -5.11 -3.08
N ASP A 131 0.13 -4.17 -2.20
CA ASP A 131 0.73 -2.84 -2.21
C ASP A 131 2.24 -2.89 -2.03
N TYR A 132 2.71 -3.68 -1.05
CA TYR A 132 4.15 -3.69 -0.78
C TYR A 132 4.94 -4.47 -1.83
N TYR A 133 4.35 -5.50 -2.45
CA TYR A 133 4.97 -6.08 -3.63
C TYR A 133 4.97 -5.11 -4.80
N ARG A 134 3.92 -4.30 -4.91
CA ARG A 134 3.86 -3.29 -5.96
C ARG A 134 5.00 -2.28 -5.79
N TYR A 135 5.26 -1.86 -4.55
CA TYR A 135 6.37 -0.94 -4.33
C TYR A 135 7.73 -1.59 -4.65
N LEU A 136 7.89 -2.87 -4.32
CA LEU A 136 9.07 -3.60 -4.74
C LEU A 136 9.17 -3.64 -6.27
N ALA A 137 8.03 -3.84 -6.94
CA ALA A 137 8.01 -3.88 -8.40
C ALA A 137 8.41 -2.56 -9.04
N GLU A 138 8.08 -1.44 -8.39
CA GLU A 138 8.39 -0.13 -8.92
C GLU A 138 9.90 0.06 -9.11
N VAL A 139 10.71 -0.61 -8.26
CA VAL A 139 12.15 -0.43 -8.32
C VAL A 139 12.90 -1.62 -8.89
N ALA A 140 12.18 -2.69 -9.21
CA ALA A 140 12.78 -3.93 -9.68
C ALA A 140 13.18 -3.77 -11.15
N THR A 141 14.37 -4.28 -11.48
CA THR A 141 14.91 -4.18 -12.83
C THR A 141 15.60 -5.47 -13.30
N GLY A 142 15.56 -6.53 -12.48
CA GLY A 142 16.34 -7.74 -12.74
C GLY A 142 15.51 -8.98 -13.01
N ASP A 143 16.11 -10.14 -12.74
CA ASP A 143 15.52 -11.45 -13.05
C ASP A 143 14.27 -11.83 -12.26
N ASP A 144 14.07 -11.18 -11.10
CA ASP A 144 12.90 -11.46 -10.27
C ASP A 144 11.73 -10.51 -10.49
N LYS A 145 11.86 -9.55 -11.42
CA LYS A 145 10.83 -8.55 -11.61
C LYS A 145 9.48 -9.17 -11.94
N LYS A 146 9.48 -10.14 -12.86
CA LYS A 146 8.22 -10.78 -13.20
C LYS A 146 7.62 -11.48 -12.00
N ARG A 147 8.44 -12.13 -11.16
CA ARG A 147 7.92 -12.86 -10.02
C ARG A 147 7.38 -11.87 -8.98
N ILE A 148 8.03 -10.71 -8.82
CA ILE A 148 7.57 -9.70 -7.88
C ILE A 148 6.21 -9.20 -8.34
N ILE A 149 6.10 -8.89 -9.64
CA ILE A 149 4.84 -8.43 -10.21
C ILE A 149 3.75 -9.46 -9.98
N ASP A 150 4.06 -10.73 -10.23
CA ASP A 150 3.07 -11.77 -10.05
C ASP A 150 2.65 -11.94 -8.58
N SER A 151 3.59 -11.73 -7.65
CA SER A 151 3.27 -11.77 -6.24
C SER A 151 2.27 -10.67 -5.85
N ALA A 152 2.48 -9.47 -6.39
CA ALA A 152 1.53 -8.39 -6.17
C ALA A 152 0.15 -8.79 -6.73
N ARG A 153 0.15 -9.23 -7.98
CA ARG A 153 -1.09 -9.59 -8.67
C ARG A 153 -1.86 -10.66 -7.91
N SER A 154 -1.14 -11.68 -7.45
CA SER A 154 -1.75 -12.79 -6.73
C SER A 154 -2.41 -12.33 -5.43
N ALA A 155 -1.73 -11.46 -4.69
CA ALA A 155 -2.29 -10.98 -3.43
C ALA A 155 -3.53 -10.13 -3.68
N TYR A 156 -3.45 -9.19 -4.64
CA TYR A 156 -4.59 -8.36 -5.00
C TYR A 156 -5.76 -9.21 -5.45
N GLN A 157 -5.48 -10.25 -6.25
CA GLN A 157 -6.54 -11.06 -6.81
C GLN A 157 -7.25 -11.85 -5.71
N GLU A 158 -6.50 -12.42 -4.76
CA GLU A 158 -7.13 -13.12 -3.65
C GLU A 158 -8.02 -12.17 -2.84
N ALA A 159 -7.50 -10.98 -2.57
CA ALA A 159 -8.25 -9.95 -1.88
C ALA A 159 -9.53 -9.58 -2.63
N MET A 160 -9.41 -9.41 -3.94
CA MET A 160 -10.57 -9.08 -4.76
CA MET A 160 -10.55 -9.10 -4.80
C MET A 160 -11.61 -10.19 -4.68
N ASP A 161 -11.18 -11.44 -4.78
CA ASP A 161 -12.12 -12.53 -4.80
C ASP A 161 -12.90 -12.57 -3.48
N ILE A 162 -12.20 -12.39 -2.33
CA ILE A 162 -12.88 -12.38 -1.04
C ILE A 162 -13.81 -11.18 -0.91
N SER A 163 -13.36 -10.02 -1.37
CA SER A 163 -14.12 -8.79 -1.18
C SER A 163 -15.42 -8.84 -1.98
N LYS A 164 -15.38 -9.44 -3.18
CA LYS A 164 -16.57 -9.52 -4.02
C LYS A 164 -17.59 -10.46 -3.40
N LYS A 165 -17.14 -11.51 -2.73
CA LYS A 165 -18.03 -12.46 -2.11
C LYS A 165 -18.61 -12.01 -0.77
N GLU A 166 -17.81 -11.28 0.02
CA GLU A 166 -18.10 -11.07 1.43
C GLU A 166 -18.38 -9.64 1.86
N MET A 167 -18.15 -8.66 0.96
N MET A 167 -18.19 -8.66 0.97
CA MET A 167 -18.33 -7.26 1.28
CA MET A 167 -18.35 -7.27 1.35
C MET A 167 -19.28 -6.57 0.32
C MET A 167 -19.21 -6.53 0.34
N PRO A 168 -20.01 -5.53 0.78
CA PRO A 168 -20.80 -4.74 -0.14
C PRO A 168 -19.91 -3.90 -1.03
N PRO A 169 -20.42 -3.49 -2.22
CA PRO A 169 -19.59 -2.76 -3.16
C PRO A 169 -19.15 -1.38 -2.66
N THR A 170 -19.79 -0.87 -1.60
CA THR A 170 -19.40 0.40 -1.02
C THR A 170 -18.42 0.30 0.14
N ASN A 171 -18.07 -0.92 0.54
CA ASN A 171 -17.16 -1.09 1.66
C ASN A 171 -15.84 -0.38 1.36
N PRO A 172 -15.33 0.52 2.24
CA PRO A 172 -14.13 1.27 1.93
C PRO A 172 -12.91 0.41 1.66
N ILE A 173 -12.80 -0.74 2.34
CA ILE A 173 -11.67 -1.63 2.08
C ILE A 173 -11.76 -2.16 0.66
N ARG A 174 -12.94 -2.63 0.26
CA ARG A 174 -13.16 -3.13 -1.08
C ARG A 174 -12.86 -2.04 -2.12
N LEU A 175 -13.34 -0.82 -1.87
CA LEU A 175 -13.08 0.28 -2.78
C LEU A 175 -11.60 0.64 -2.91
N GLY A 176 -10.93 0.71 -1.76
CA GLY A 176 -9.52 1.06 -1.75
C GLY A 176 -8.65 -0.02 -2.39
N LEU A 177 -9.00 -1.28 -2.15
CA LEU A 177 -8.37 -2.40 -2.83
C LEU A 177 -8.49 -2.25 -4.35
N ALA A 178 -9.70 -1.99 -4.83
CA ALA A 178 -9.93 -1.87 -6.26
C ALA A 178 -9.18 -0.69 -6.86
N LEU A 179 -9.21 0.46 -6.15
CA LEU A 179 -8.44 1.62 -6.55
C LEU A 179 -6.97 1.21 -6.80
N ASN A 180 -6.38 0.55 -5.81
CA ASN A 180 -4.96 0.24 -5.88
C ASN A 180 -4.63 -0.85 -6.89
N PHE A 181 -5.51 -1.87 -7.01
CA PHE A 181 -5.29 -2.90 -8.02
C PHE A 181 -5.41 -2.31 -9.42
N SER A 182 -6.32 -1.36 -9.59
CA SER A 182 -6.44 -0.64 -10.86
C SER A 182 -5.14 0.08 -11.19
N VAL A 183 -4.56 0.76 -10.20
CA VAL A 183 -3.27 1.42 -10.41
C VAL A 183 -2.15 0.40 -10.72
N PHE A 184 -2.15 -0.73 -10.02
CA PHE A 184 -1.24 -1.82 -10.37
C PHE A 184 -1.34 -2.16 -11.85
N HIS A 185 -2.56 -2.37 -12.35
CA HIS A 185 -2.72 -2.68 -13.76
C HIS A 185 -2.15 -1.61 -14.68
N TYR A 186 -2.41 -0.33 -14.34
CA TYR A 186 -1.98 0.76 -15.19
C TYR A 186 -0.47 0.97 -15.17
N GLU A 187 0.09 1.01 -13.96
CA GLU A 187 1.46 1.47 -13.76
C GLU A 187 2.49 0.36 -13.74
N ILE A 188 2.09 -0.87 -13.36
CA ILE A 188 3.00 -1.99 -13.18
C ILE A 188 2.84 -3.08 -14.24
N ALA A 189 1.59 -3.46 -14.53
CA ALA A 189 1.31 -4.58 -15.43
C ALA A 189 1.13 -4.18 -16.89
N ASN A 190 1.27 -2.89 -17.20
CA ASN A 190 1.16 -2.44 -18.58
C ASN A 190 -0.19 -2.84 -19.17
N SER A 191 -1.23 -2.67 -18.35
CA SER A 191 -2.59 -3.07 -18.70
C SER A 191 -3.54 -1.92 -18.46
N PRO A 192 -3.42 -0.80 -19.20
CA PRO A 192 -4.28 0.35 -18.96
C PRO A 192 -5.76 0.07 -19.18
N GLU A 193 -6.09 -0.78 -20.16
CA GLU A 193 -7.50 -1.10 -20.36
C GLU A 193 -8.10 -1.82 -19.16
N GLU A 194 -7.37 -2.77 -18.55
CA GLU A 194 -7.82 -3.46 -17.35
C GLU A 194 -7.99 -2.48 -16.18
N ALA A 195 -7.05 -1.55 -16.06
CA ALA A 195 -7.09 -0.53 -15.04
C ALA A 195 -8.35 0.31 -15.14
N ILE A 196 -8.65 0.76 -16.37
CA ILE A 196 -9.81 1.60 -16.61
C ILE A 196 -11.10 0.82 -16.37
N SER A 197 -11.20 -0.40 -16.91
CA SER A 197 -12.36 -1.24 -16.70
CA SER A 197 -12.37 -1.22 -16.70
C SER A 197 -12.64 -1.47 -15.22
N LEU A 198 -11.60 -1.80 -14.48
CA LEU A 198 -11.77 -2.07 -13.05
C LEU A 198 -12.25 -0.82 -12.32
N ALA A 199 -11.63 0.32 -12.55
CA ALA A 199 -12.04 1.54 -11.89
C ALA A 199 -13.50 1.90 -12.20
N LYS A 200 -13.88 1.77 -13.48
CA LYS A 200 -15.24 2.11 -13.89
C LYS A 200 -16.26 1.18 -13.25
N THR A 201 -16.05 -0.14 -13.36
CA THR A 201 -16.99 -1.10 -12.79
C THR A 201 -17.10 -0.90 -11.29
N THR A 202 -15.97 -0.70 -10.60
CA THR A 202 -16.00 -0.49 -9.17
C THR A 202 -16.83 0.73 -8.81
N PHE A 203 -16.62 1.84 -9.54
CA PHE A 203 -17.34 3.07 -9.29
C PHE A 203 -18.83 2.84 -9.49
N ASP A 204 -19.20 2.24 -10.61
CA ASP A 204 -20.61 2.08 -10.95
C ASP A 204 -21.34 1.15 -9.97
N GLU A 205 -20.68 0.10 -9.51
CA GLU A 205 -21.31 -0.81 -8.58
C GLU A 205 -21.48 -0.16 -7.22
N ALA A 206 -20.52 0.68 -6.84
CA ALA A 206 -20.63 1.39 -5.59
C ALA A 206 -21.77 2.43 -5.67
N MET A 207 -21.83 3.16 -6.79
CA MET A 207 -22.90 4.15 -6.95
C MET A 207 -24.27 3.54 -6.66
N ALA A 208 -24.50 2.35 -7.22
CA ALA A 208 -25.78 1.69 -7.12
C ALA A 208 -26.12 1.20 -5.73
N ASP A 209 -25.14 1.18 -4.81
CA ASP A 209 -25.34 0.66 -3.47
C ASP A 209 -25.33 1.79 -2.41
N LEU A 210 -25.06 3.03 -2.83
CA LEU A 210 -25.01 4.15 -1.91
C LEU A 210 -26.33 4.35 -1.15
N HIS A 211 -27.46 3.97 -1.77
CA HIS A 211 -28.76 4.19 -1.17
C HIS A 211 -28.99 3.45 0.14
N THR A 212 -28.17 2.42 0.39
CA THR A 212 -28.30 1.56 1.55
C THR A 212 -27.61 2.13 2.78
N LEU A 213 -26.83 3.20 2.58
CA LEU A 213 -25.90 3.69 3.58
C LEU A 213 -26.41 4.85 4.43
N SER A 214 -25.90 4.91 5.67
CA SER A 214 -26.04 6.07 6.51
C SER A 214 -25.26 7.26 5.95
N GLU A 215 -25.52 8.45 6.51
CA GLU A 215 -24.79 9.64 6.10
C GLU A 215 -23.28 9.48 6.27
N ASP A 216 -22.85 8.91 7.41
CA ASP A 216 -21.42 8.78 7.65
C ASP A 216 -20.76 7.76 6.73
N SER A 217 -21.43 6.64 6.48
CA SER A 217 -20.90 5.63 5.56
C SER A 217 -20.85 6.18 4.12
N TYR A 218 -21.89 6.93 3.76
CA TYR A 218 -21.93 7.60 2.47
C TYR A 218 -20.71 8.49 2.25
N LYS A 219 -20.39 9.28 3.26
CA LYS A 219 -19.24 10.18 3.16
C LYS A 219 -17.94 9.42 2.95
N ASP A 220 -17.72 8.34 3.72
CA ASP A 220 -16.54 7.49 3.61
CA ASP A 220 -16.46 7.64 3.56
C ASP A 220 -16.38 6.89 2.22
N SER A 221 -17.47 6.25 1.77
CA SER A 221 -17.47 5.58 0.47
C SER A 221 -17.27 6.55 -0.69
N THR A 222 -17.96 7.69 -0.66
CA THR A 222 -17.85 8.62 -1.78
C THR A 222 -16.48 9.27 -1.87
N LEU A 223 -15.75 9.38 -0.74
CA LEU A 223 -14.39 9.88 -0.81
C LEU A 223 -13.52 9.00 -1.70
N ILE A 224 -13.62 7.68 -1.54
CA ILE A 224 -12.78 6.79 -2.32
C ILE A 224 -13.30 6.70 -3.75
N MET A 225 -14.63 6.75 -3.91
CA MET A 225 -15.20 6.80 -5.25
C MET A 225 -14.66 7.97 -6.07
N GLN A 226 -14.48 9.14 -5.41
CA GLN A 226 -13.93 10.29 -6.08
C GLN A 226 -12.50 10.04 -6.57
N LEU A 227 -11.73 9.25 -5.81
CA LEU A 227 -10.39 8.88 -6.23
C LEU A 227 -10.41 8.00 -7.48
N LEU A 228 -11.36 7.05 -7.55
CA LEU A 228 -11.54 6.27 -8.75
C LEU A 228 -11.84 7.16 -9.96
N ARG A 229 -12.72 8.14 -9.76
CA ARG A 229 -13.09 9.07 -10.83
C ARG A 229 -11.88 9.91 -11.23
N ASP A 230 -11.10 10.33 -10.24
CA ASP A 230 -9.91 11.13 -10.52
C ASP A 230 -8.92 10.35 -11.39
N ASN A 231 -8.73 9.07 -11.07
CA ASN A 231 -7.86 8.25 -11.89
C ASN A 231 -8.42 8.07 -13.30
N LEU A 232 -9.71 7.77 -13.41
CA LEU A 232 -10.36 7.64 -14.71
C LEU A 232 -10.17 8.92 -15.53
N THR A 233 -10.29 10.09 -14.89
CA THR A 233 -10.10 11.36 -15.58
C THR A 233 -8.66 11.51 -16.07
N LEU A 234 -7.70 11.05 -15.26
CA LEU A 234 -6.29 11.09 -15.65
C LEU A 234 -6.01 10.18 -16.85
N TRP A 235 -6.73 9.06 -16.95
CA TRP A 235 -6.42 7.99 -17.89
C TRP A 235 -7.22 8.01 -19.19
N THR A 236 -8.25 8.87 -19.25
CA THR A 236 -9.12 8.95 -20.41
C THR A 236 -9.21 10.38 -20.95
N PHE B 1 1.08 11.35 -10.87
CA PHE B 1 0.92 9.97 -10.39
C PHE B 1 -0.53 9.72 -9.97
N PRO B 2 -1.06 8.50 -10.18
CA PRO B 2 -2.45 8.23 -9.82
C PRO B 2 -2.65 8.04 -8.32
N ALA B 3 -3.91 8.19 -7.90
CA ALA B 3 -4.31 8.06 -6.53
C ALA B 3 -4.35 6.61 -6.05
N VAL B 5 -4.66 4.46 -1.96
CA VAL B 5 -4.95 4.63 -0.55
C VAL B 5 -4.35 3.58 0.31
#